data_5OVG
#
_entry.id   5OVG
#
_cell.length_a   40.984
_cell.length_b   85.671
_cell.length_c   176.790
_cell.angle_alpha   90.00
_cell.angle_beta   90.00
_cell.angle_gamma   90.00
#
_symmetry.space_group_name_H-M   'P 21 21 21'
#
loop_
_entity.id
_entity.type
_entity.pdbx_description
1 polymer 'Son of sevenless homolog 1'
2 non-polymer ~{N}-[(1~{R})-1-[5-(6,7-dihydro-5~{H}-pyrrolo[1,2-a]imidazol-3-yl)thiophen-2-yl]ethyl]-6,7-dimethoxy-2-methyl-quinazolin-4-amine
3 non-polymer 1,2-ETHANEDIOL
4 water water
#
_entity_poly.entity_id   1
_entity_poly.type   'polypeptide(L)'
_entity_poly.pdbx_seq_one_letter_code
;GAMAEEQMRLPSADVYRFAEPDSEENIIFEENMQPKAGIPIIKAGTVIKLIERLTYHMYADPNFVRTFLTTYRSFCKPQE
LLSLIIERFEIPEPEPTEADRIAIENGDQPLSAELKRFRKEYIQPVQLRVLNVCRHWVEHHFYDFERDAYLLQRMEEFIG
TVRGKAMKKWVESITKIIQRKKIARDNGPGHNITFQSSPPTVEWHISRPGHIETFDLLTLHPIEIARQLTLLESDLYRAV
QPSELVGSVWTKEDKEINSPNLLKMIRHTTNLTLWFEKCIVETENLEERVAVVSRIIEILQVFQELNNFNGVLEVVSAMN
SSPVYRLDHTFEQIPSRQKKILEEAHELSEDHYKKYLAKLRSINPPCVPFFGIYLTNILKTEEGNPEVLKRHGKELINFS
KRRKVAEITGEIQQYQNQPYCLRVESDIKRFFENLNPMGNSMEKEFTDYLFNKSLEIEPRNPKPLPRFPKKYSYPLKSPG
VRPSNPRPGT
;
_entity_poly.pdbx_strand_id   A
#
# COMPACT_ATOMS: atom_id res chain seq x y z
N ALA A 4 3.30 -42.44 -24.91
CA ALA A 4 2.55 -42.26 -23.63
C ALA A 4 1.03 -42.16 -23.86
N GLU A 5 0.27 -43.02 -23.18
CA GLU A 5 -1.20 -43.02 -23.31
C GLU A 5 -1.86 -41.86 -22.56
N GLU A 6 -1.30 -41.47 -21.42
CA GLU A 6 -1.82 -40.34 -20.63
C GLU A 6 -1.84 -39.01 -21.40
N GLN A 7 -0.83 -38.78 -22.23
CA GLN A 7 -0.76 -37.58 -23.07
C GLN A 7 -1.77 -37.63 -24.23
N MET A 8 -2.02 -38.84 -24.76
CA MET A 8 -3.04 -39.03 -25.80
C MET A 8 -4.47 -39.04 -25.24
N ARG A 9 -4.63 -39.31 -23.95
CA ARG A 9 -5.90 -39.06 -23.25
C ARG A 9 -6.25 -37.58 -23.24
N LEU A 10 -5.23 -36.71 -23.10
CA LEU A 10 -5.40 -35.26 -23.18
C LEU A 10 -5.69 -34.83 -24.63
N PRO A 11 -6.30 -33.64 -24.83
CA PRO A 11 -6.62 -33.22 -26.21
C PRO A 11 -5.40 -32.88 -27.07
N SER A 12 -5.62 -32.83 -28.38
CA SER A 12 -4.56 -32.53 -29.34
C SER A 12 -4.18 -31.05 -29.30
N ALA A 13 -2.98 -30.74 -29.81
CA ALA A 13 -2.45 -29.37 -29.83
C ALA A 13 -3.23 -28.42 -30.75
N ASP A 14 -3.68 -28.95 -31.89
CA ASP A 14 -4.48 -28.16 -32.85
C ASP A 14 -5.91 -27.83 -32.39
N VAL A 15 -6.37 -28.41 -31.26
CA VAL A 15 -7.69 -28.12 -30.68
C VAL A 15 -7.69 -27.55 -29.24
N TYR A 16 -6.52 -27.46 -28.60
CA TYR A 16 -6.41 -27.03 -27.20
C TYR A 16 -4.97 -26.66 -26.86
N ARG A 17 -4.76 -25.46 -26.32
CA ARG A 17 -3.43 -24.90 -26.11
C ARG A 17 -2.83 -25.13 -24.72
N PHE A 18 -3.65 -25.62 -23.77
CA PHE A 18 -3.22 -25.79 -22.38
C PHE A 18 -2.86 -27.25 -22.01
N ALA A 19 -2.66 -28.10 -23.01
CA ALA A 19 -2.24 -29.49 -22.79
C ALA A 19 -0.93 -29.81 -23.51
N GLU A 20 -0.07 -28.79 -23.63
CA GLU A 20 1.25 -28.95 -24.23
C GLU A 20 2.15 -29.69 -23.23
N PRO A 21 3.15 -30.46 -23.73
CA PRO A 21 4.10 -31.06 -22.79
C PRO A 21 4.99 -30.03 -22.06
N ASP A 22 5.23 -30.27 -20.77
CA ASP A 22 6.13 -29.42 -19.97
C ASP A 22 7.58 -29.65 -20.42
N SER A 23 8.36 -28.57 -20.44
CA SER A 23 9.76 -28.62 -20.82
C SER A 23 10.49 -27.37 -20.32
N GLU A 24 11.80 -27.31 -20.55
CA GLU A 24 12.59 -26.12 -20.24
C GLU A 24 12.40 -24.94 -21.24
N GLU A 25 11.62 -25.17 -22.31
CA GLU A 25 11.32 -24.13 -23.31
C GLU A 25 10.02 -23.35 -23.01
N ASN A 26 9.20 -23.83 -22.07
CA ASN A 26 7.93 -23.17 -21.70
C ASN A 26 7.66 -22.90 -20.20
N ILE A 27 8.39 -23.56 -19.30
CA ILE A 27 8.16 -23.41 -17.85
C ILE A 27 9.40 -23.80 -17.03
N ILE A 28 9.61 -23.10 -15.91
CA ILE A 28 10.73 -23.39 -14.99
C ILE A 28 10.23 -23.39 -13.55
N PHE A 29 10.68 -24.38 -12.78
CA PHE A 29 10.31 -24.52 -11.36
C PHE A 29 11.48 -24.11 -10.46
N GLU A 30 11.16 -23.59 -9.27
CA GLU A 30 12.17 -23.19 -8.29
C GLU A 30 12.88 -24.40 -7.68
N GLU A 31 13.98 -24.12 -6.99
CA GLU A 31 14.76 -25.13 -6.26
C GLU A 31 13.96 -25.76 -5.12
N GLY A 38 6.42 -32.47 -2.75
CA GLY A 38 5.25 -31.61 -2.56
C GLY A 38 4.86 -30.84 -3.82
N ILE A 39 4.20 -29.70 -3.63
CA ILE A 39 3.74 -28.87 -4.74
C ILE A 39 4.92 -28.08 -5.31
N PRO A 40 5.16 -28.17 -6.64
CA PRO A 40 6.23 -27.38 -7.24
C PRO A 40 5.91 -25.89 -7.27
N ILE A 41 6.90 -25.05 -6.99
CA ILE A 41 6.75 -23.59 -6.98
C ILE A 41 7.33 -23.06 -8.30
N ILE A 42 6.52 -22.30 -9.05
CA ILE A 42 6.85 -21.91 -10.42
C ILE A 42 7.77 -20.69 -10.44
N LYS A 43 8.97 -20.85 -11.01
CA LYS A 43 9.92 -19.75 -11.14
C LYS A 43 9.55 -18.84 -12.31
N ALA A 44 9.31 -19.46 -13.46
CA ALA A 44 8.96 -18.72 -14.67
C ALA A 44 8.21 -19.58 -15.67
N GLY A 45 7.67 -18.94 -16.70
CA GLY A 45 6.97 -19.65 -17.79
C GLY A 45 6.17 -18.71 -18.68
N THR A 46 5.72 -19.24 -19.82
CA THR A 46 4.81 -18.51 -20.71
C THR A 46 3.45 -18.30 -20.02
N VAL A 47 2.68 -17.35 -20.52
CA VAL A 47 1.35 -17.07 -19.96
C VAL A 47 0.41 -18.27 -20.04
N ILE A 48 0.54 -19.07 -21.11
CA ILE A 48 -0.28 -20.27 -21.30
C ILE A 48 -0.02 -21.30 -20.18
N LYS A 49 1.25 -21.49 -19.84
CA LYS A 49 1.66 -22.39 -18.76
C LYS A 49 1.27 -21.88 -17.37
N LEU A 50 1.30 -20.56 -17.18
CA LEU A 50 0.83 -19.94 -15.92
C LEU A 50 -0.66 -20.21 -15.69
N ILE A 51 -1.47 -20.05 -16.73
CA ILE A 51 -2.90 -20.33 -16.65
C ILE A 51 -3.14 -21.83 -16.42
N GLU A 52 -2.36 -22.66 -17.10
CA GLU A 52 -2.43 -24.13 -16.94
C GLU A 52 -2.21 -24.57 -15.50
N ARG A 53 -1.15 -24.06 -14.89
CA ARG A 53 -0.79 -24.41 -13.51
C ARG A 53 -1.68 -23.73 -12.47
N LEU A 54 -2.23 -22.56 -12.82
CA LEU A 54 -3.22 -21.86 -11.99
C LEU A 54 -4.51 -22.67 -11.82
N THR A 55 -4.84 -23.48 -12.82
CA THR A 55 -6.03 -24.32 -12.82
C THR A 55 -5.68 -25.81 -13.01
N TYR A 56 -4.64 -26.26 -12.30
CA TYR A 56 -4.09 -27.60 -12.52
C TYR A 56 -5.01 -28.66 -11.89
N HIS A 57 -5.24 -29.74 -12.65
CA HIS A 57 -6.18 -30.80 -12.26
C HIS A 57 -5.72 -31.64 -11.06
N MET A 58 -4.41 -31.80 -10.92
CA MET A 58 -3.83 -32.74 -9.95
C MET A 58 -4.06 -32.33 -8.49
N TYR A 59 -3.94 -31.03 -8.22
CA TYR A 59 -4.04 -30.50 -6.85
C TYR A 59 -4.52 -29.05 -6.80
N ALA A 60 -4.92 -28.62 -5.61
CA ALA A 60 -5.23 -27.21 -5.33
C ALA A 60 -3.94 -26.49 -5.00
N ASP A 61 -3.83 -25.23 -5.43
CA ASP A 61 -2.63 -24.41 -5.23
C ASP A 61 -3.04 -23.00 -4.79
N PRO A 62 -3.57 -22.87 -3.55
CA PRO A 62 -4.09 -21.58 -3.07
C PRO A 62 -3.03 -20.49 -2.93
N ASN A 63 -1.78 -20.89 -2.68
CA ASN A 63 -0.66 -19.94 -2.64
C ASN A 63 -0.45 -19.29 -4.00
N PHE A 64 -0.45 -20.11 -5.05
CA PHE A 64 -0.25 -19.64 -6.43
C PHE A 64 -1.44 -18.83 -6.95
N VAL A 65 -2.65 -19.25 -6.58
CA VAL A 65 -3.88 -18.52 -6.94
C VAL A 65 -3.83 -17.09 -6.39
N ARG A 66 -3.54 -16.98 -5.10
CA ARG A 66 -3.47 -15.70 -4.40
C ARG A 66 -2.41 -14.79 -5.01
N THR A 67 -1.22 -15.35 -5.24
CA THR A 67 -0.10 -14.60 -5.77
C THR A 67 -0.33 -14.21 -7.24
N PHE A 68 -0.90 -15.12 -8.03
CA PHE A 68 -1.21 -14.83 -9.44
C PHE A 68 -2.17 -13.65 -9.53
N LEU A 69 -3.30 -13.76 -8.83
CA LEU A 69 -4.36 -12.74 -8.92
C LEU A 69 -3.96 -11.37 -8.33
N THR A 70 -3.07 -11.37 -7.34
CA THR A 70 -2.45 -10.12 -6.86
C THR A 70 -1.57 -9.47 -7.94
N THR A 71 -0.80 -10.26 -8.70
CA THR A 71 0.31 -9.74 -9.50
C THR A 71 0.11 -9.74 -11.03
N TYR A 72 -0.90 -10.45 -11.53
CA TYR A 72 -1.00 -10.74 -12.96
C TYR A 72 -0.99 -9.51 -13.87
N ARG A 73 -1.50 -8.39 -13.36
CA ARG A 73 -1.63 -7.17 -14.16
C ARG A 73 -0.27 -6.65 -14.67
N SER A 74 0.83 -7.03 -14.02
CA SER A 74 2.18 -6.71 -14.48
C SER A 74 2.61 -7.38 -15.79
N PHE A 75 1.93 -8.47 -16.19
CA PHE A 75 2.22 -9.17 -17.46
C PHE A 75 1.01 -9.56 -18.34
N CYS A 76 -0.21 -9.25 -17.90
CA CYS A 76 -1.41 -9.71 -18.59
C CYS A 76 -2.58 -8.80 -18.23
N LYS A 77 -3.29 -8.29 -19.23
CA LYS A 77 -4.46 -7.43 -18.98
C LYS A 77 -5.61 -8.26 -18.38
N PRO A 78 -6.48 -7.63 -17.57
CA PRO A 78 -7.69 -8.31 -17.07
C PRO A 78 -8.57 -8.94 -18.17
N GLN A 79 -8.71 -8.25 -19.30
CA GLN A 79 -9.43 -8.77 -20.47
C GLN A 79 -8.80 -10.05 -21.01
N GLU A 80 -7.47 -10.05 -21.14
CA GLU A 80 -6.72 -11.22 -21.60
C GLU A 80 -6.92 -12.41 -20.66
N LEU A 81 -6.78 -12.17 -19.35
CA LEU A 81 -6.89 -13.22 -18.35
C LEU A 81 -8.23 -13.96 -18.43
N LEU A 82 -9.33 -13.20 -18.47
CA LEU A 82 -10.68 -13.77 -18.54
C LEU A 82 -10.84 -14.69 -19.75
N SER A 83 -10.40 -14.20 -20.92
CA SER A 83 -10.40 -14.99 -22.16
C SER A 83 -9.64 -16.31 -22.01
N LEU A 84 -8.45 -16.24 -21.42
CA LEU A 84 -7.58 -17.40 -21.24
C LEU A 84 -8.14 -18.44 -20.26
N ILE A 85 -8.82 -17.99 -19.20
CA ILE A 85 -9.46 -18.94 -18.26
C ILE A 85 -10.78 -19.53 -18.80
N ILE A 86 -11.43 -18.80 -19.71
CA ILE A 86 -12.58 -19.33 -20.46
C ILE A 86 -12.12 -20.35 -21.50
N GLU A 87 -11.06 -20.00 -22.24
CA GLU A 87 -10.44 -20.93 -23.19
C GLU A 87 -9.97 -22.22 -22.49
N ARG A 88 -9.35 -22.06 -21.32
CA ARG A 88 -8.96 -23.18 -20.43
C ARG A 88 -10.15 -24.05 -20.03
N PHE A 89 -11.27 -23.41 -19.69
CA PHE A 89 -12.50 -24.09 -19.27
C PHE A 89 -13.10 -24.96 -20.38
N GLU A 90 -13.06 -24.47 -21.62
CA GLU A 90 -13.66 -25.17 -22.76
C GLU A 90 -12.74 -26.27 -23.30
N ILE A 91 -12.67 -27.37 -22.56
CA ILE A 91 -11.87 -28.52 -22.92
C ILE A 91 -12.70 -29.38 -23.89
N PRO A 92 -12.16 -29.65 -25.10
CA PRO A 92 -12.89 -30.48 -26.05
C PRO A 92 -12.82 -31.96 -25.70
N GLU A 93 -13.93 -32.66 -25.86
CA GLU A 93 -14.00 -34.11 -25.62
C GLU A 93 -13.45 -34.84 -26.85
N PRO A 94 -12.80 -36.01 -26.64
CA PRO A 94 -12.27 -36.78 -27.77
C PRO A 94 -13.37 -37.50 -28.55
N GLU A 95 -13.08 -37.85 -29.80
CA GLU A 95 -14.03 -38.55 -30.68
C GLU A 95 -14.36 -39.96 -30.14
N PRO A 96 -15.54 -40.51 -30.52
CA PRO A 96 -15.92 -41.85 -30.06
C PRO A 96 -15.17 -42.99 -30.80
N THR A 97 -15.37 -44.22 -30.35
CA THR A 97 -14.68 -45.39 -30.91
C THR A 97 -15.31 -45.84 -32.24
N SER A 112 -18.66 -45.93 -23.58
CA SER A 112 -17.91 -44.68 -23.44
C SER A 112 -17.05 -44.70 -22.17
N ALA A 113 -16.07 -45.60 -22.14
CA ALA A 113 -15.22 -45.82 -20.97
C ALA A 113 -14.12 -44.77 -20.85
N GLU A 114 -13.48 -44.44 -21.97
CA GLU A 114 -12.45 -43.38 -22.02
C GLU A 114 -13.04 -42.00 -21.72
N LEU A 115 -14.21 -41.72 -22.31
CA LEU A 115 -14.90 -40.44 -22.12
C LEU A 115 -15.39 -40.21 -20.68
N LYS A 116 -15.83 -41.28 -20.01
CA LYS A 116 -16.23 -41.20 -18.59
C LYS A 116 -15.07 -40.90 -17.63
N ARG A 117 -13.90 -41.48 -17.90
CA ARG A 117 -12.69 -41.20 -17.11
C ARG A 117 -12.19 -39.78 -17.36
N PHE A 118 -12.14 -39.39 -18.63
CA PHE A 118 -11.65 -38.07 -19.04
C PHE A 118 -12.48 -36.92 -18.45
N ARG A 119 -13.81 -37.07 -18.50
CA ARG A 119 -14.72 -36.12 -17.85
C ARG A 119 -14.49 -36.06 -16.34
N LYS A 120 -14.44 -37.23 -15.72
CA LYS A 120 -14.30 -37.36 -14.26
C LYS A 120 -12.94 -36.89 -13.74
N GLU A 121 -11.86 -37.26 -14.42
CA GLU A 121 -10.49 -37.08 -13.92
C GLU A 121 -9.73 -35.88 -14.49
N TYR A 122 -10.22 -35.26 -15.57
CA TYR A 122 -9.57 -34.07 -16.16
C TYR A 122 -10.50 -32.88 -16.32
N ILE A 123 -11.60 -33.03 -17.07
CA ILE A 123 -12.50 -31.90 -17.34
C ILE A 123 -13.15 -31.36 -16.06
N GLN A 124 -13.70 -32.24 -15.23
CA GLN A 124 -14.40 -31.81 -14.01
C GLN A 124 -13.47 -31.09 -13.01
N PRO A 125 -12.27 -31.65 -12.73
CA PRO A 125 -11.31 -30.92 -11.87
C PRO A 125 -10.87 -29.54 -12.41
N VAL A 126 -10.51 -29.46 -13.69
CA VAL A 126 -10.07 -28.19 -14.30
C VAL A 126 -11.18 -27.15 -14.31
N GLN A 127 -12.39 -27.58 -14.70
CA GLN A 127 -13.55 -26.69 -14.68
C GLN A 127 -13.85 -26.12 -13.29
N LEU A 128 -13.74 -26.96 -12.25
CA LEU A 128 -13.86 -26.53 -10.85
C LEU A 128 -12.75 -25.53 -10.46
N ARG A 129 -11.52 -25.83 -10.88
CA ARG A 129 -10.38 -24.92 -10.63
C ARG A 129 -10.53 -23.56 -11.32
N VAL A 130 -11.14 -23.51 -12.51
CA VAL A 130 -11.40 -22.23 -13.19
C VAL A 130 -12.41 -21.39 -12.40
N LEU A 131 -13.47 -22.03 -11.92
CA LEU A 131 -14.47 -21.35 -11.09
C LEU A 131 -13.90 -20.93 -9.72
N ASN A 132 -12.99 -21.74 -9.19
CA ASN A 132 -12.24 -21.38 -7.97
C ASN A 132 -11.43 -20.10 -8.17
N VAL A 133 -10.82 -19.96 -9.35
CA VAL A 133 -10.12 -18.72 -9.73
C VAL A 133 -11.12 -17.56 -9.85
N CYS A 134 -12.26 -17.80 -10.51
CA CYS A 134 -13.31 -16.79 -10.66
C CYS A 134 -13.84 -16.29 -9.29
N ARG A 135 -14.06 -17.22 -8.36
CA ARG A 135 -14.51 -16.89 -7.00
C ARG A 135 -13.48 -16.04 -6.25
N HIS A 136 -12.22 -16.40 -6.33
CA HIS A 136 -11.17 -15.63 -5.70
C HIS A 136 -11.04 -14.27 -6.39
N TRP A 137 -11.10 -14.26 -7.70
CA TRP A 137 -11.00 -13.01 -8.47
C TRP A 137 -12.05 -11.99 -8.02
N VAL A 138 -13.31 -12.39 -8.02
CA VAL A 138 -14.41 -11.46 -7.65
C VAL A 138 -14.41 -11.10 -6.15
N GLU A 139 -14.09 -12.05 -5.28
CA GLU A 139 -14.08 -11.81 -3.83
C GLU A 139 -12.95 -10.86 -3.41
N HIS A 140 -11.74 -11.10 -3.92
CA HIS A 140 -10.55 -10.37 -3.47
C HIS A 140 -10.06 -9.27 -4.42
N HIS A 141 -10.51 -9.25 -5.67
CA HIS A 141 -10.09 -8.22 -6.62
C HIS A 141 -11.26 -7.71 -7.46
N PHE A 142 -12.37 -7.38 -6.80
CA PHE A 142 -13.56 -6.89 -7.51
C PHE A 142 -13.32 -5.57 -8.24
N TYR A 143 -12.42 -4.74 -7.70
CA TYR A 143 -12.03 -3.46 -8.30
C TYR A 143 -11.72 -3.50 -9.81
N ASP A 144 -11.16 -4.61 -10.29
CA ASP A 144 -10.97 -4.82 -11.74
C ASP A 144 -12.30 -4.67 -12.50
N PHE A 145 -13.34 -5.26 -11.93
CA PHE A 145 -14.69 -5.26 -12.53
C PHE A 145 -15.41 -3.92 -12.35
N GLU A 146 -15.03 -3.15 -11.33
CA GLU A 146 -15.49 -1.76 -11.18
C GLU A 146 -14.86 -0.84 -12.23
N ARG A 147 -13.56 -1.01 -12.47
CA ARG A 147 -12.83 -0.22 -13.47
C ARG A 147 -13.26 -0.49 -14.91
N ASP A 148 -13.61 -1.74 -15.22
CA ASP A 148 -14.03 -2.16 -16.56
C ASP A 148 -15.41 -2.80 -16.48
N ALA A 149 -16.42 -2.15 -17.08
CA ALA A 149 -17.81 -2.62 -17.03
C ALA A 149 -18.03 -3.85 -17.93
N TYR A 150 -17.48 -3.79 -19.14
CA TYR A 150 -17.54 -4.90 -20.11
C TYR A 150 -16.92 -6.19 -19.55
N LEU A 151 -15.85 -6.06 -18.76
CA LEU A 151 -15.24 -7.20 -18.05
C LEU A 151 -16.24 -7.92 -17.15
N LEU A 152 -17.03 -7.14 -16.41
CA LEU A 152 -18.06 -7.70 -15.53
C LEU A 152 -19.21 -8.38 -16.29
N GLN A 153 -19.57 -7.82 -17.46
CA GLN A 153 -20.60 -8.43 -18.32
C GLN A 153 -20.17 -9.80 -18.85
N ARG A 154 -18.91 -9.89 -19.30
CA ARG A 154 -18.33 -11.15 -19.78
C ARG A 154 -18.29 -12.22 -18.69
N MET A 155 -17.88 -11.83 -17.48
CA MET A 155 -17.80 -12.77 -16.35
C MET A 155 -19.18 -13.33 -15.97
N GLU A 156 -20.20 -12.47 -15.99
CA GLU A 156 -21.58 -12.91 -15.75
C GLU A 156 -22.15 -13.72 -16.93
N GLU A 157 -21.82 -13.31 -18.15
CA GLU A 157 -22.10 -14.11 -19.37
C GLU A 157 -21.58 -15.54 -19.24
N PHE A 158 -20.31 -15.67 -18.87
CA PHE A 158 -19.66 -16.98 -18.73
C PHE A 158 -20.23 -17.79 -17.57
N ILE A 159 -20.37 -17.15 -16.40
CA ILE A 159 -20.92 -17.81 -15.20
C ILE A 159 -22.42 -18.11 -15.37
N GLY A 160 -23.10 -17.40 -16.28
CA GLY A 160 -24.47 -17.72 -16.65
C GLY A 160 -24.59 -19.00 -17.45
N THR A 161 -23.79 -19.11 -18.51
CA THR A 161 -23.80 -20.26 -19.42
C THR A 161 -22.87 -21.37 -18.93
N VAL A 162 -23.40 -22.26 -18.09
CA VAL A 162 -22.67 -23.43 -17.55
C VAL A 162 -23.62 -24.64 -17.52
N ARG A 163 -23.24 -25.70 -16.79
CA ARG A 163 -24.07 -26.92 -16.65
C ARG A 163 -23.56 -27.75 -15.46
N GLY A 164 -24.08 -28.97 -15.29
CA GLY A 164 -23.51 -29.94 -14.35
C GLY A 164 -23.97 -29.77 -12.91
N LYS A 165 -23.93 -30.87 -12.15
CA LYS A 165 -24.36 -30.88 -10.75
C LYS A 165 -23.34 -30.22 -9.81
N ALA A 166 -22.05 -30.48 -10.06
CA ALA A 166 -20.97 -29.97 -9.21
C ALA A 166 -20.75 -28.47 -9.35
N MET A 167 -21.03 -27.93 -10.54
CA MET A 167 -20.79 -26.51 -10.84
C MET A 167 -21.81 -25.60 -10.15
N LYS A 168 -23.06 -26.07 -10.06
CA LYS A 168 -24.19 -25.32 -9.45
C LYS A 168 -23.82 -24.55 -8.17
N LYS A 169 -23.14 -25.22 -7.24
CA LYS A 169 -22.71 -24.60 -5.98
C LYS A 169 -21.69 -23.47 -6.20
N TRP A 170 -20.70 -23.73 -7.05
CA TRP A 170 -19.72 -22.70 -7.43
C TRP A 170 -20.36 -21.55 -8.21
N VAL A 171 -21.31 -21.86 -9.10
CA VAL A 171 -21.99 -20.83 -9.90
C VAL A 171 -22.83 -19.91 -9.02
N GLU A 172 -23.48 -20.47 -7.99
CA GLU A 172 -24.20 -19.65 -7.01
C GLU A 172 -23.24 -18.80 -6.19
N SER A 173 -22.34 -19.46 -5.46
CA SER A 173 -21.35 -18.78 -4.60
C SER A 173 -20.65 -17.60 -5.27
N ILE A 174 -20.33 -17.74 -6.55
CA ILE A 174 -19.73 -16.66 -7.34
C ILE A 174 -20.73 -15.51 -7.54
N THR A 175 -21.94 -15.83 -7.99
CA THR A 175 -22.97 -14.81 -8.23
C THR A 175 -23.50 -14.16 -6.93
N LYS A 176 -23.44 -14.89 -5.81
CA LYS A 176 -23.76 -14.31 -4.49
C LYS A 176 -22.71 -13.28 -4.05
N ILE A 177 -21.44 -13.57 -4.34
CA ILE A 177 -20.35 -12.61 -4.07
C ILE A 177 -20.44 -11.39 -4.98
N ILE A 178 -20.78 -11.58 -6.26
CA ILE A 178 -20.91 -10.45 -7.21
C ILE A 178 -21.99 -9.47 -6.75
N GLN A 179 -23.16 -9.96 -6.34
CA GLN A 179 -24.25 -9.10 -5.88
C GLN A 179 -23.94 -8.40 -4.54
N ARG A 180 -23.14 -9.03 -3.68
CA ARG A 180 -22.62 -8.37 -2.47
C ARG A 180 -21.73 -7.15 -2.80
N LYS A 181 -20.91 -7.28 -3.85
CA LYS A 181 -20.01 -6.19 -4.27
C LYS A 181 -20.75 -5.10 -5.05
N LYS A 182 -21.88 -5.43 -5.67
CA LYS A 182 -22.79 -4.43 -6.25
C LYS A 182 -23.44 -3.58 -5.16
N ILE A 183 -23.86 -4.24 -4.08
CA ILE A 183 -24.48 -3.56 -2.92
C ILE A 183 -23.43 -2.76 -2.11
N ALA A 184 -22.21 -3.29 -2.02
CA ALA A 184 -21.11 -2.63 -1.31
C ALA A 184 -20.71 -1.26 -1.88
N ARG A 185 -21.02 -1.00 -3.16
CA ARG A 185 -20.83 0.31 -3.78
C ARG A 185 -21.54 1.44 -3.01
N ASP A 186 -22.76 1.15 -2.53
CA ASP A 186 -23.59 2.13 -1.82
C ASP A 186 -24.37 1.48 -0.68
N THR A 194 -17.25 1.02 16.24
CA THR A 194 -17.48 0.80 17.66
C THR A 194 -16.17 0.49 18.39
N PHE A 195 -16.08 0.94 19.64
CA PHE A 195 -14.88 0.78 20.46
C PHE A 195 -15.02 -0.42 21.39
N GLN A 196 -13.89 -1.03 21.72
CA GLN A 196 -13.85 -2.16 22.65
C GLN A 196 -13.82 -1.64 24.08
N SER A 197 -12.84 -0.77 24.35
CA SER A 197 -12.71 -0.08 25.63
C SER A 197 -13.09 1.40 25.47
N SER A 198 -13.12 2.12 26.58
CA SER A 198 -13.51 3.53 26.58
C SER A 198 -12.33 4.39 26.09
N PRO A 199 -12.52 5.16 24.99
CA PRO A 199 -11.42 5.96 24.47
C PRO A 199 -11.17 7.20 25.33
N PRO A 200 -9.93 7.71 25.34
CA PRO A 200 -9.64 8.88 26.18
C PRO A 200 -10.32 10.16 25.69
N THR A 201 -10.43 11.14 26.59
CA THR A 201 -11.06 12.41 26.28
C THR A 201 -10.23 13.15 25.23
N VAL A 202 -10.92 13.77 24.27
CA VAL A 202 -10.27 14.60 23.26
C VAL A 202 -9.64 15.79 23.98
N GLU A 203 -8.39 16.12 23.62
CA GLU A 203 -7.62 17.21 24.24
C GLU A 203 -7.69 18.48 23.38
N TRP A 204 -7.77 19.63 24.06
CA TRP A 204 -7.79 20.96 23.44
C TRP A 204 -6.85 21.86 24.20
N HIS A 205 -6.47 22.97 23.56
CA HIS A 205 -5.45 23.87 24.09
C HIS A 205 -5.87 25.35 23.96
N ILE A 206 -5.61 25.98 22.83
CA ILE A 206 -5.94 27.40 22.62
C ILE A 206 -7.23 27.48 21.81
N SER A 207 -7.22 26.89 20.62
CA SER A 207 -8.42 26.80 19.78
C SER A 207 -9.54 26.05 20.50
N ARG A 208 -10.72 26.68 20.62
CA ARG A 208 -11.88 26.04 21.23
C ARG A 208 -12.55 25.09 20.23
N PRO A 209 -13.23 24.02 20.74
CA PRO A 209 -14.03 23.17 19.86
C PRO A 209 -14.98 23.99 18.99
N GLY A 210 -14.91 23.80 17.68
CA GLY A 210 -15.75 24.54 16.73
C GLY A 210 -15.03 25.66 16.00
N HIS A 211 -14.15 26.38 16.68
CA HIS A 211 -13.41 27.50 16.09
C HIS A 211 -12.32 27.04 15.11
N ILE A 212 -12.74 26.57 13.94
CA ILE A 212 -11.82 25.98 12.94
C ILE A 212 -10.89 26.99 12.26
N GLU A 213 -11.21 28.27 12.32
CA GLU A 213 -10.39 29.33 11.72
C GLU A 213 -9.08 29.54 12.48
N THR A 214 -9.10 29.26 13.79
CA THR A 214 -7.92 29.38 14.66
C THR A 214 -7.06 28.11 14.74
N PHE A 215 -7.50 27.01 14.11
CA PHE A 215 -6.77 25.74 14.11
C PHE A 215 -5.40 25.90 13.43
N ASP A 216 -4.34 25.55 14.16
CA ASP A 216 -2.97 25.63 13.63
C ASP A 216 -2.03 24.78 14.48
N LEU A 217 -0.78 24.66 14.04
CA LEU A 217 0.23 23.80 14.69
C LEU A 217 0.37 24.04 16.19
N LEU A 218 0.37 25.31 16.59
CA LEU A 218 0.58 25.72 17.97
C LEU A 218 -0.71 25.96 18.78
N THR A 219 -1.84 26.14 18.10
CA THR A 219 -3.13 26.44 18.75
C THR A 219 -3.91 25.18 19.12
N LEU A 220 -3.84 24.15 18.28
CA LEU A 220 -4.35 22.82 18.64
C LEU A 220 -3.47 22.18 19.70
N HIS A 221 -3.96 21.11 20.32
CA HIS A 221 -3.20 20.42 21.36
C HIS A 221 -2.27 19.39 20.71
N PRO A 222 -0.98 19.36 21.10
CA PRO A 222 -0.05 18.44 20.43
C PRO A 222 -0.48 16.97 20.49
N ILE A 223 -0.86 16.50 21.68
CA ILE A 223 -1.45 15.16 21.88
C ILE A 223 -2.52 14.88 20.84
N GLU A 224 -3.47 15.81 20.71
CA GLU A 224 -4.60 15.61 19.80
C GLU A 224 -4.21 15.70 18.32
N ILE A 225 -3.25 16.57 17.98
CA ILE A 225 -2.68 16.57 16.63
C ILE A 225 -2.16 15.17 16.31
N ALA A 226 -1.41 14.59 17.26
CA ALA A 226 -0.82 13.26 17.08
C ALA A 226 -1.85 12.15 17.01
N ARG A 227 -2.89 12.25 17.83
CA ARG A 227 -3.99 11.28 17.81
C ARG A 227 -4.74 11.30 16.48
N GLN A 228 -5.12 12.49 16.03
CA GLN A 228 -5.91 12.64 14.80
C GLN A 228 -5.13 12.28 13.54
N LEU A 229 -3.84 12.61 13.49
CA LEU A 229 -2.98 12.21 12.36
C LEU A 229 -2.78 10.70 12.29
N THR A 230 -2.61 10.05 13.45
CA THR A 230 -2.49 8.60 13.54
C THR A 230 -3.77 7.87 13.08
N LEU A 231 -4.93 8.36 13.51
CA LEU A 231 -6.22 7.84 13.03
C LEU A 231 -6.36 8.01 11.52
N LEU A 232 -5.98 9.18 11.03
CA LEU A 232 -6.01 9.47 9.60
C LEU A 232 -5.03 8.57 8.85
N GLU A 233 -3.79 8.49 9.31
CA GLU A 233 -2.76 7.65 8.65
C GLU A 233 -3.04 6.16 8.75
N SER A 234 -3.60 5.73 9.87
CA SER A 234 -4.04 4.33 10.03
C SER A 234 -5.05 3.99 8.95
N ASP A 235 -6.08 4.82 8.79
CA ASP A 235 -7.09 4.62 7.73
C ASP A 235 -6.47 4.58 6.34
N LEU A 236 -5.54 5.48 6.04
CA LEU A 236 -4.90 5.49 4.72
C LEU A 236 -4.00 4.27 4.50
N TYR A 237 -3.33 3.79 5.55
CA TYR A 237 -2.51 2.58 5.47
C TYR A 237 -3.35 1.34 5.16
N ARG A 238 -4.50 1.25 5.82
CA ARG A 238 -5.39 0.08 5.69
C ARG A 238 -6.08 0.00 4.33
N ALA A 239 -6.30 1.16 3.70
CA ALA A 239 -6.96 1.24 2.38
C ALA A 239 -6.12 0.76 1.20
N VAL A 240 -4.80 0.67 1.37
CA VAL A 240 -3.90 0.27 0.29
C VAL A 240 -4.05 -1.22 -0.02
N GLN A 241 -4.36 -1.53 -1.28
CA GLN A 241 -4.47 -2.91 -1.78
C GLN A 241 -3.15 -3.32 -2.48
N PRO A 242 -2.75 -4.61 -2.36
CA PRO A 242 -1.49 -5.10 -2.93
C PRO A 242 -1.24 -4.81 -4.42
N SER A 243 -2.27 -4.92 -5.25
CA SER A 243 -2.13 -4.67 -6.70
C SER A 243 -1.72 -3.24 -7.04
N GLU A 244 -2.04 -2.29 -6.17
CA GLU A 244 -1.60 -0.90 -6.34
C GLU A 244 -0.07 -0.71 -6.35
N LEU A 245 0.64 -1.65 -5.73
CA LEU A 245 2.11 -1.63 -5.59
C LEU A 245 2.87 -2.50 -6.61
N VAL A 246 2.19 -3.40 -7.31
CA VAL A 246 2.85 -4.34 -8.24
C VAL A 246 3.22 -3.64 -9.55
N GLY A 247 4.39 -4.02 -10.10
CA GLY A 247 4.87 -3.53 -11.39
C GLY A 247 5.13 -2.04 -11.48
N SER A 248 5.37 -1.39 -10.34
CA SER A 248 5.53 0.07 -10.25
C SER A 248 4.40 0.87 -10.91
N VAL A 249 3.18 0.34 -10.86
CA VAL A 249 2.03 0.95 -11.56
C VAL A 249 1.65 2.35 -11.06
N TRP A 250 2.06 2.70 -9.84
CA TRP A 250 1.84 4.04 -9.28
C TRP A 250 2.70 5.16 -9.91
N THR A 251 3.70 4.79 -10.72
CA THR A 251 4.50 5.74 -11.50
C THR A 251 4.29 5.59 -13.03
N LYS A 252 3.06 5.28 -13.45
CA LYS A 252 2.71 5.05 -14.86
C LYS A 252 1.57 5.97 -15.30
N GLU A 253 1.22 5.91 -16.59
CA GLU A 253 0.11 6.72 -17.15
C GLU A 253 -1.22 6.60 -16.38
N ASP A 254 -1.58 5.37 -16.01
CA ASP A 254 -2.85 5.09 -15.31
C ASP A 254 -2.67 4.90 -13.80
N LYS A 255 -1.89 5.79 -13.19
CA LYS A 255 -1.59 5.72 -11.75
C LYS A 255 -2.79 6.07 -10.87
N GLU A 256 -3.59 7.04 -11.29
CA GLU A 256 -4.74 7.52 -10.49
C GLU A 256 -5.86 6.50 -10.37
N ILE A 257 -5.98 5.59 -11.34
CA ILE A 257 -7.00 4.55 -11.32
C ILE A 257 -6.45 3.25 -10.71
N ASN A 258 -5.20 2.89 -11.04
CA ASN A 258 -4.58 1.67 -10.50
C ASN A 258 -4.09 1.77 -9.05
N SER A 259 -3.78 2.99 -8.58
CA SER A 259 -3.17 3.18 -7.25
C SER A 259 -3.75 4.38 -6.49
N PRO A 260 -5.08 4.46 -6.33
CA PRO A 260 -5.69 5.64 -5.71
C PRO A 260 -5.39 5.80 -4.21
N ASN A 261 -5.42 4.70 -3.46
CA ASN A 261 -5.18 4.73 -2.01
C ASN A 261 -3.70 4.96 -1.70
N LEU A 262 -2.84 4.23 -2.42
CA LEU A 262 -1.39 4.40 -2.37
C LEU A 262 -0.96 5.84 -2.57
N LEU A 263 -1.38 6.45 -3.68
CA LEU A 263 -1.06 7.86 -3.98
C LEU A 263 -1.63 8.83 -2.95
N LYS A 264 -2.82 8.53 -2.44
CA LYS A 264 -3.39 9.31 -1.35
C LYS A 264 -2.50 9.29 -0.11
N MET A 265 -1.93 8.11 0.17
CA MET A 265 -1.02 7.92 1.32
C MET A 265 0.32 8.65 1.14
N ILE A 266 0.87 8.58 -0.08
CA ILE A 266 2.12 9.29 -0.42
C ILE A 266 1.92 10.80 -0.34
N ARG A 267 0.82 11.30 -0.92
CA ARG A 267 0.52 12.74 -0.93
C ARG A 267 0.30 13.29 0.47
N HIS A 268 -0.37 12.54 1.34
CA HIS A 268 -0.48 12.95 2.74
C HIS A 268 0.90 13.11 3.39
N THR A 269 1.76 12.11 3.21
CA THR A 269 3.13 12.16 3.74
C THR A 269 3.90 13.36 3.17
N THR A 270 3.77 13.62 1.87
CA THR A 270 4.41 14.78 1.25
C THR A 270 3.87 16.07 1.84
N ASN A 271 2.55 16.19 1.94
CA ASN A 271 1.92 17.41 2.48
C ASN A 271 2.18 17.65 3.98
N LEU A 272 2.11 16.60 4.80
CA LEU A 272 2.41 16.77 6.23
C LEU A 272 3.86 17.18 6.46
N THR A 273 4.79 16.48 5.79
CA THR A 273 6.23 16.81 5.90
C THR A 273 6.53 18.25 5.50
N LEU A 274 6.05 18.67 4.33
CA LEU A 274 6.27 20.04 3.83
C LEU A 274 5.51 21.10 4.64
N TRP A 275 4.40 20.72 5.28
CA TRP A 275 3.71 21.63 6.20
C TRP A 275 4.51 21.87 7.46
N PHE A 276 5.10 20.82 8.05
CA PHE A 276 6.01 20.99 9.19
C PHE A 276 7.16 21.93 8.83
N GLU A 277 7.76 21.71 7.67
CA GLU A 277 8.87 22.53 7.17
C GLU A 277 8.44 23.97 6.93
N LYS A 278 7.24 24.14 6.39
CA LYS A 278 6.65 25.47 6.17
C LYS A 278 6.39 26.21 7.48
N CYS A 279 5.84 25.51 8.48
CA CYS A 279 5.61 26.10 9.82
C CYS A 279 6.91 26.63 10.47
N ILE A 280 8.01 25.89 10.29
CA ILE A 280 9.29 26.23 10.91
C ILE A 280 9.91 27.46 10.22
N VAL A 281 10.14 27.36 8.91
CA VAL A 281 10.90 28.39 8.19
C VAL A 281 10.15 29.71 7.94
N GLU A 282 8.83 29.68 7.94
CA GLU A 282 8.03 30.92 7.86
C GLU A 282 7.86 31.62 9.21
N THR A 283 8.22 30.94 10.31
CA THR A 283 8.35 31.57 11.61
C THR A 283 9.75 32.18 11.66
N GLU A 284 9.86 33.45 11.24
CA GLU A 284 11.17 34.11 11.12
C GLU A 284 11.82 34.46 12.44
N ASN A 285 11.02 34.84 13.45
CA ASN A 285 11.55 35.06 14.79
C ASN A 285 12.15 33.76 15.34
N LEU A 286 13.35 33.86 15.92
CA LEU A 286 14.10 32.71 16.40
C LEU A 286 13.38 32.01 17.54
N GLU A 287 12.94 32.80 18.52
CA GLU A 287 12.31 32.26 19.73
CA GLU A 287 12.32 32.25 19.73
C GLU A 287 10.98 31.58 19.43
N GLU A 288 10.21 32.15 18.51
CA GLU A 288 8.96 31.54 18.06
C GLU A 288 9.26 30.26 17.28
N ARG A 289 10.30 30.30 16.44
CA ARG A 289 10.70 29.14 15.67
C ARG A 289 11.16 27.97 16.56
N VAL A 290 11.85 28.28 17.65
CA VAL A 290 12.24 27.27 18.65
C VAL A 290 10.99 26.60 19.23
N ALA A 291 9.97 27.39 19.55
CA ALA A 291 8.69 26.88 20.04
C ALA A 291 7.98 25.97 19.02
N VAL A 292 8.02 26.36 17.75
CA VAL A 292 7.44 25.55 16.65
C VAL A 292 8.15 24.19 16.54
N VAL A 293 9.48 24.21 16.44
CA VAL A 293 10.27 22.97 16.35
C VAL A 293 10.04 22.09 17.59
N SER A 294 10.08 22.68 18.78
CA SER A 294 9.84 21.95 20.02
C SER A 294 8.46 21.24 20.04
N ARG A 295 7.45 21.92 19.48
CA ARG A 295 6.10 21.37 19.43
C ARG A 295 6.01 20.17 18.50
N ILE A 296 6.69 20.25 17.37
CA ILE A 296 6.76 19.15 16.39
C ILE A 296 7.48 17.93 16.96
N ILE A 297 8.51 18.16 17.79
CA ILE A 297 9.16 17.06 18.49
C ILE A 297 8.20 16.45 19.52
N GLU A 298 7.44 17.29 20.23
CA GLU A 298 6.39 16.80 21.13
C GLU A 298 5.35 15.96 20.38
N ILE A 299 4.94 16.41 19.20
CA ILE A 299 4.03 15.63 18.36
C ILE A 299 4.64 14.26 18.06
N LEU A 300 5.93 14.24 17.69
CA LEU A 300 6.63 12.98 17.44
C LEU A 300 6.64 12.06 18.66
N GLN A 301 6.83 12.62 19.86
CA GLN A 301 6.78 11.81 21.09
C GLN A 301 5.47 11.04 21.22
N VAL A 302 4.36 11.67 20.86
CA VAL A 302 3.05 11.04 21.01
C VAL A 302 2.84 10.00 19.91
N PHE A 303 3.38 10.26 18.71
CA PHE A 303 3.42 9.22 17.66
C PHE A 303 4.12 7.94 18.13
N GLN A 304 5.23 8.08 18.86
CA GLN A 304 5.94 6.88 19.36
C GLN A 304 5.24 6.22 20.55
N GLU A 305 4.54 7.00 21.38
CA GLU A 305 3.61 6.43 22.38
C GLU A 305 2.52 5.58 21.70
N LEU A 306 2.04 6.04 20.55
CA LEU A 306 1.01 5.36 19.75
C LEU A 306 1.54 4.30 18.77
N ASN A 307 2.86 4.17 18.64
CA ASN A 307 3.50 3.31 17.63
C ASN A 307 3.05 3.63 16.19
N ASN A 308 2.88 4.91 15.91
CA ASN A 308 2.69 5.39 14.55
C ASN A 308 4.10 5.72 14.02
N PHE A 309 4.72 4.72 13.42
CA PHE A 309 6.09 4.86 12.94
C PHE A 309 6.12 5.75 11.69
N ASN A 310 5.07 5.62 10.88
CA ASN A 310 4.89 6.50 9.73
C ASN A 310 4.94 7.98 10.13
N GLY A 311 4.28 8.31 11.24
CA GLY A 311 4.30 9.65 11.78
C GLY A 311 5.68 10.08 12.29
N VAL A 312 6.32 9.20 13.07
CA VAL A 312 7.67 9.45 13.60
C VAL A 312 8.62 9.82 12.46
N LEU A 313 8.62 9.01 11.42
CA LEU A 313 9.50 9.20 10.27
C LEU A 313 9.10 10.32 9.31
N GLU A 314 7.89 10.86 9.45
CA GLU A 314 7.50 12.09 8.73
C GLU A 314 8.13 13.31 9.39
N VAL A 315 8.13 13.32 10.73
CA VAL A 315 8.75 14.37 11.52
C VAL A 315 10.28 14.34 11.30
N VAL A 316 10.86 13.14 11.31
CA VAL A 316 12.28 12.93 11.04
C VAL A 316 12.67 13.41 9.64
N SER A 317 11.85 13.08 8.64
CA SER A 317 12.07 13.59 7.28
C SER A 317 12.08 15.12 7.23
N ALA A 318 11.17 15.75 7.97
CA ALA A 318 11.08 17.22 8.04
C ALA A 318 12.25 17.90 8.75
N MET A 319 12.71 17.32 9.86
CA MET A 319 13.87 17.86 10.61
C MET A 319 15.21 17.66 9.85
N ASN A 320 15.26 16.65 8.98
CA ASN A 320 16.44 16.37 8.14
C ASN A 320 16.45 17.04 6.78
N SER A 321 15.36 17.69 6.41
CA SER A 321 15.29 18.37 5.12
C SER A 321 16.29 19.52 5.07
N SER A 322 16.66 19.90 3.85
CA SER A 322 17.66 20.95 3.64
C SER A 322 17.35 22.27 4.32
N PRO A 323 16.08 22.73 4.27
CA PRO A 323 15.76 24.00 4.96
C PRO A 323 15.81 23.94 6.49
N VAL A 324 15.46 22.80 7.09
CA VAL A 324 15.36 22.72 8.55
C VAL A 324 16.68 22.29 9.20
N TYR A 325 17.30 21.23 8.67
CA TYR A 325 18.51 20.64 9.29
C TYR A 325 19.65 21.64 9.57
N ARG A 326 19.79 22.62 8.67
CA ARG A 326 20.82 23.66 8.79
C ARG A 326 20.53 24.77 9.81
N LEU A 327 19.37 24.74 10.48
CA LEU A 327 18.98 25.80 11.42
C LEU A 327 19.67 25.65 12.79
N ASP A 328 20.99 25.87 12.81
CA ASP A 328 21.81 25.66 14.00
C ASP A 328 21.40 26.54 15.18
N HIS A 329 21.01 27.78 14.91
CA HIS A 329 20.59 28.69 15.98
C HIS A 329 19.30 28.19 16.63
N THR A 330 18.39 27.66 15.82
CA THR A 330 17.12 27.11 16.31
C THR A 330 17.34 25.90 17.20
N PHE A 331 18.08 24.93 16.68
CA PHE A 331 18.33 23.68 17.41
C PHE A 331 19.20 23.88 18.65
N GLU A 332 20.04 24.92 18.69
CA GLU A 332 20.80 25.26 19.89
C GLU A 332 19.91 25.44 21.14
N GLN A 333 18.74 26.08 20.97
CA GLN A 333 17.83 26.34 22.09
C GLN A 333 16.82 25.21 22.42
N ILE A 334 16.82 24.14 21.62
CA ILE A 334 15.96 22.98 21.90
C ILE A 334 16.58 22.17 23.05
N PRO A 335 15.79 21.85 24.09
CA PRO A 335 16.30 21.04 25.21
C PRO A 335 16.96 19.74 24.78
N SER A 336 17.98 19.32 25.53
CA SER A 336 18.75 18.11 25.27
C SER A 336 17.91 16.82 25.21
N ARG A 337 16.93 16.69 26.10
CA ARG A 337 16.02 15.54 26.06
C ARG A 337 15.21 15.48 24.75
N GLN A 338 14.74 16.64 24.27
CA GLN A 338 14.05 16.69 22.98
C GLN A 338 14.97 16.38 21.81
N LYS A 339 16.20 16.89 21.85
CA LYS A 339 17.23 16.54 20.85
C LYS A 339 17.50 15.04 20.82
N LYS A 340 17.69 14.45 22.01
CA LYS A 340 17.94 13.02 22.13
C LYS A 340 16.80 12.20 21.51
N ILE A 341 15.56 12.57 21.82
CA ILE A 341 14.38 11.90 21.27
C ILE A 341 14.40 11.96 19.73
N LEU A 342 14.70 13.14 19.19
CA LEU A 342 14.78 13.32 17.74
C LEU A 342 15.94 12.52 17.12
N GLU A 343 17.10 12.53 17.78
CA GLU A 343 18.24 11.70 17.35
C GLU A 343 17.93 10.20 17.41
N GLU A 344 17.27 9.76 18.48
CA GLU A 344 16.88 8.34 18.62
C GLU A 344 15.89 7.91 17.54
N ALA A 345 14.98 8.80 17.17
CA ALA A 345 14.05 8.55 16.05
C ALA A 345 14.78 8.40 14.72
N HIS A 346 15.77 9.25 14.46
CA HIS A 346 16.58 9.15 13.24
C HIS A 346 17.28 7.81 13.15
N GLU A 347 17.83 7.37 14.27
CA GLU A 347 18.58 6.12 14.35
C GLU A 347 17.74 4.87 14.07
N LEU A 348 16.42 4.99 14.06
CA LEU A 348 15.54 3.94 13.53
C LEU A 348 15.87 3.60 12.08
N SER A 349 16.21 4.61 11.27
CA SER A 349 16.50 4.43 9.84
C SER A 349 17.92 3.94 9.50
N GLU A 350 18.85 4.01 10.44
CA GLU A 350 20.26 3.65 10.17
C GLU A 350 20.44 2.17 9.91
N ASP A 351 21.47 1.84 9.13
CA ASP A 351 21.85 0.45 8.83
C ASP A 351 20.67 -0.33 8.23
N HIS A 352 20.09 0.25 7.18
CA HIS A 352 18.95 -0.33 6.46
C HIS A 352 17.76 -0.64 7.37
N TYR A 353 17.38 0.36 8.18
CA TYR A 353 16.21 0.32 9.06
C TYR A 353 16.22 -0.83 10.10
N LYS A 354 17.40 -1.15 10.63
CA LYS A 354 17.57 -2.28 11.57
C LYS A 354 16.79 -2.08 12.87
N LYS A 355 17.03 -0.95 13.54
CA LYS A 355 16.32 -0.60 14.78
C LYS A 355 14.81 -0.48 14.58
N TYR A 356 14.40 0.09 13.44
CA TYR A 356 12.99 0.20 13.08
C TYR A 356 12.31 -1.16 13.01
N LEU A 357 12.91 -2.07 12.24
CA LEU A 357 12.37 -3.41 12.05
C LEU A 357 12.36 -4.24 13.34
N ALA A 358 13.34 -4.03 14.22
CA ALA A 358 13.34 -4.73 15.53
C ALA A 358 12.24 -4.17 16.44
N LYS A 359 12.05 -2.86 16.40
CA LYS A 359 10.99 -2.18 17.16
C LYS A 359 9.59 -2.62 16.70
N LEU A 360 9.39 -2.74 15.39
CA LEU A 360 8.07 -3.09 14.81
C LEU A 360 7.60 -4.50 15.16
N ARG A 361 8.48 -5.47 15.01
CA ARG A 361 8.18 -6.88 15.32
C ARG A 361 7.98 -7.15 16.83
N SER A 362 8.55 -6.30 17.69
CA SER A 362 8.50 -6.48 19.15
C SER A 362 7.25 -5.92 19.86
N ILE A 363 6.61 -4.91 19.27
CA ILE A 363 5.44 -4.25 19.89
C ILE A 363 4.12 -4.97 19.62
N ASN A 364 3.12 -4.71 20.47
CA ASN A 364 1.76 -5.20 20.28
C ASN A 364 0.91 -4.16 19.53
N PRO A 365 -0.21 -4.60 18.90
CA PRO A 365 -1.14 -3.64 18.29
C PRO A 365 -1.74 -2.64 19.30
N PRO A 366 -2.19 -1.47 18.84
CA PRO A 366 -2.22 -1.06 17.43
C PRO A 366 -0.97 -0.29 17.01
N CYS A 367 -0.64 -0.35 15.71
CA CYS A 367 0.46 0.44 15.13
C CYS A 367 0.16 0.88 13.69
N VAL A 368 0.83 1.95 13.26
CA VAL A 368 0.88 2.29 11.83
C VAL A 368 2.33 2.11 11.40
N PRO A 369 2.61 1.08 10.58
CA PRO A 369 3.98 0.90 10.08
C PRO A 369 4.44 2.02 9.14
N PHE A 370 5.74 2.28 9.14
CA PHE A 370 6.37 3.21 8.20
C PHE A 370 6.16 2.67 6.79
N PHE A 371 5.43 3.45 5.97
CA PHE A 371 5.05 2.99 4.64
C PHE A 371 6.16 3.10 3.60
N GLY A 372 7.00 4.13 3.72
CA GLY A 372 8.05 4.42 2.74
C GLY A 372 9.00 3.29 2.43
N ILE A 373 9.35 2.50 3.46
CA ILE A 373 10.27 1.36 3.31
C ILE A 373 9.74 0.33 2.33
N TYR A 374 8.43 0.08 2.36
CA TYR A 374 7.80 -0.90 1.46
C TYR A 374 7.95 -0.49 0.00
N LEU A 375 7.73 0.80 -0.30
CA LEU A 375 7.90 1.32 -1.66
C LEU A 375 9.36 1.23 -2.12
N THR A 376 10.29 1.60 -1.25
CA THR A 376 11.73 1.50 -1.52
C THR A 376 12.13 0.08 -1.92
N ASN A 377 11.73 -0.90 -1.11
CA ASN A 377 12.06 -2.31 -1.36
C ASN A 377 11.35 -2.92 -2.56
N ILE A 378 10.12 -2.49 -2.84
CA ILE A 378 9.43 -2.94 -4.06
C ILE A 378 10.13 -2.37 -5.30
N LEU A 379 10.50 -1.08 -5.27
CA LEU A 379 11.26 -0.49 -6.37
C LEU A 379 12.61 -1.18 -6.63
N LYS A 380 13.28 -1.64 -5.56
CA LYS A 380 14.54 -2.40 -5.70
C LYS A 380 14.30 -3.79 -6.30
N THR A 381 13.22 -4.44 -5.91
CA THR A 381 12.83 -5.71 -6.53
C THR A 381 12.46 -5.52 -8.03
N GLU A 382 11.68 -4.49 -8.33
CA GLU A 382 11.27 -4.22 -9.72
C GLU A 382 12.47 -3.87 -10.62
N GLU A 383 13.31 -2.94 -10.17
CA GLU A 383 14.52 -2.57 -10.92
C GLU A 383 15.60 -3.63 -10.90
N GLY A 384 15.66 -4.42 -9.82
CA GLY A 384 16.72 -5.41 -9.61
C GLY A 384 16.54 -6.75 -10.29
N ASN A 385 15.31 -7.06 -10.74
CA ASN A 385 15.03 -8.33 -11.41
C ASN A 385 14.45 -8.09 -12.79
N PRO A 386 14.72 -9.02 -13.74
CA PRO A 386 14.24 -8.85 -15.11
C PRO A 386 12.80 -9.29 -15.27
N GLU A 387 12.07 -8.63 -16.18
CA GLU A 387 10.68 -8.96 -16.48
C GLU A 387 10.52 -10.39 -17.01
N VAL A 388 11.48 -10.83 -17.82
CA VAL A 388 11.44 -12.14 -18.48
C VAL A 388 12.79 -12.89 -18.35
N LEU A 389 12.73 -14.20 -18.52
CA LEU A 389 13.91 -15.07 -18.56
C LEU A 389 14.07 -15.65 -19.97
N LYS A 390 15.31 -15.65 -20.47
CA LYS A 390 15.62 -16.21 -21.79
C LYS A 390 15.90 -17.71 -21.70
N ARG A 391 15.20 -18.49 -22.52
CA ARG A 391 15.50 -19.91 -22.72
C ARG A 391 15.25 -20.30 -24.18
N HIS A 392 16.32 -20.65 -24.90
CA HIS A 392 16.25 -21.10 -26.30
C HIS A 392 15.59 -20.11 -27.27
N GLY A 393 15.78 -18.82 -27.01
CA GLY A 393 15.17 -17.75 -27.82
C GLY A 393 13.71 -17.43 -27.54
N LYS A 394 13.12 -18.07 -26.53
CA LYS A 394 11.72 -17.86 -26.12
C LYS A 394 11.66 -17.08 -24.81
N GLU A 395 10.69 -16.17 -24.71
CA GLU A 395 10.50 -15.35 -23.51
C GLU A 395 9.58 -16.05 -22.52
N LEU A 396 10.10 -16.36 -21.33
CA LEU A 396 9.30 -16.84 -20.20
C LEU A 396 9.13 -15.70 -19.20
N ILE A 397 7.90 -15.49 -18.75
CA ILE A 397 7.59 -14.45 -17.75
C ILE A 397 8.21 -14.83 -16.41
N ASN A 398 8.88 -13.86 -15.77
CA ASN A 398 9.57 -14.06 -14.50
C ASN A 398 8.59 -13.96 -13.33
N PHE A 399 8.05 -15.10 -12.91
CA PHE A 399 7.02 -15.12 -11.87
C PHE A 399 7.60 -15.01 -10.45
N SER A 400 8.84 -15.46 -10.25
CA SER A 400 9.53 -15.26 -8.97
C SER A 400 9.67 -13.78 -8.60
N LYS A 401 9.88 -12.93 -9.59
CA LYS A 401 9.88 -11.47 -9.39
C LYS A 401 8.56 -10.98 -8.80
N ARG A 402 7.46 -11.52 -9.31
CA ARG A 402 6.12 -11.14 -8.85
C ARG A 402 5.84 -11.65 -7.44
N ARG A 403 6.24 -12.89 -7.15
CA ARG A 403 6.08 -13.46 -5.80
C ARG A 403 6.85 -12.66 -4.74
N LYS A 404 8.08 -12.25 -5.06
CA LYS A 404 8.87 -11.40 -4.16
C LYS A 404 8.14 -10.10 -3.82
N VAL A 405 7.56 -9.46 -4.85
CA VAL A 405 6.80 -8.23 -4.67
C VAL A 405 5.54 -8.50 -3.84
N ALA A 406 4.86 -9.61 -4.13
CA ALA A 406 3.67 -10.02 -3.39
C ALA A 406 3.97 -10.34 -1.93
N GLU A 407 5.15 -10.92 -1.67
CA GLU A 407 5.57 -11.17 -0.28
C GLU A 407 5.76 -9.86 0.49
N ILE A 408 6.24 -8.83 -0.16
CA ILE A 408 6.37 -7.49 0.47
C ILE A 408 4.98 -6.91 0.75
N THR A 409 4.04 -7.02 -0.20
CA THR A 409 2.66 -6.59 0.05
C THR A 409 1.95 -7.44 1.12
N GLY A 410 2.35 -8.70 1.25
CA GLY A 410 1.92 -9.56 2.34
C GLY A 410 2.28 -9.01 3.71
N GLU A 411 3.50 -8.49 3.85
CA GLU A 411 3.94 -7.82 5.07
C GLU A 411 3.09 -6.60 5.38
N ILE A 412 2.72 -5.82 4.35
CA ILE A 412 1.84 -4.67 4.52
C ILE A 412 0.51 -5.14 5.15
N GLN A 413 -0.07 -6.19 4.57
CA GLN A 413 -1.39 -6.68 4.95
C GLN A 413 -1.51 -7.17 6.39
N GLN A 414 -0.45 -7.78 6.94
CA GLN A 414 -0.50 -8.31 8.31
C GLN A 414 -0.70 -7.22 9.39
N TYR A 415 -0.39 -5.97 9.06
CA TYR A 415 -0.61 -4.83 9.97
C TYR A 415 -1.89 -4.00 9.68
N GLN A 416 -2.76 -4.48 8.78
CA GLN A 416 -3.93 -3.68 8.32
C GLN A 416 -5.24 -3.88 9.13
N ASN A 417 -5.24 -4.74 10.14
CA ASN A 417 -6.41 -4.88 11.03
C ASN A 417 -6.06 -4.52 12.48
N GLN A 418 -5.76 -3.24 12.69
CA GLN A 418 -5.28 -2.73 13.97
C GLN A 418 -5.92 -1.37 14.31
N PRO A 419 -7.23 -1.37 14.63
CA PRO A 419 -7.90 -0.11 14.95
C PRO A 419 -7.43 0.49 16.27
N TYR A 420 -7.38 1.81 16.33
CA TYR A 420 -6.96 2.53 17.51
C TYR A 420 -8.16 2.86 18.39
N CYS A 421 -8.01 2.67 19.70
CA CYS A 421 -9.00 3.10 20.67
C CYS A 421 -8.85 4.60 20.87
N LEU A 422 -9.32 5.36 19.89
CA LEU A 422 -9.19 6.82 19.87
C LEU A 422 -10.38 7.42 19.14
N ARG A 423 -10.98 8.45 19.75
CA ARG A 423 -12.17 9.09 19.22
C ARG A 423 -11.79 10.08 18.11
N VAL A 424 -12.45 9.96 16.95
CA VAL A 424 -12.29 10.90 15.85
C VAL A 424 -12.86 12.28 16.25
N GLU A 425 -12.14 13.34 15.87
CA GLU A 425 -12.64 14.71 15.93
C GLU A 425 -12.70 15.16 14.47
N SER A 426 -13.91 15.45 13.99
CA SER A 426 -14.13 15.70 12.56
C SER A 426 -13.49 16.98 12.04
N ASP A 427 -13.50 18.06 12.84
CA ASP A 427 -12.89 19.32 12.44
C ASP A 427 -11.37 19.22 12.31
N ILE A 428 -10.73 18.55 13.28
CA ILE A 428 -9.27 18.40 13.28
C ILE A 428 -8.85 17.45 12.16
N LYS A 429 -9.57 16.33 12.04
CA LYS A 429 -9.42 15.41 10.90
C LYS A 429 -9.45 16.16 9.58
N ARG A 430 -10.50 16.95 9.38
CA ARG A 430 -10.70 17.71 8.14
C ARG A 430 -9.55 18.68 7.86
N PHE A 431 -9.04 19.34 8.91
CA PHE A 431 -7.92 20.29 8.81
C PHE A 431 -6.65 19.65 8.25
N PHE A 432 -6.29 18.49 8.76
CA PHE A 432 -5.13 17.76 8.28
C PHE A 432 -5.39 17.05 6.94
N GLU A 433 -6.65 16.70 6.69
CA GLU A 433 -7.09 16.14 5.40
C GLU A 433 -6.92 17.16 4.26
N ASN A 434 -7.18 18.42 4.56
CA ASN A 434 -7.13 19.50 3.56
C ASN A 434 -5.81 20.30 3.58
N LEU A 435 -4.75 19.74 4.18
CA LEU A 435 -3.45 20.42 4.19
C LEU A 435 -2.94 20.57 2.76
N ASN A 436 -2.48 21.79 2.44
CA ASN A 436 -1.95 22.10 1.12
C ASN A 436 -0.84 23.14 1.26
N PRO A 437 0.29 22.75 1.89
CA PRO A 437 1.38 23.72 2.10
C PRO A 437 1.96 24.30 0.81
N MET A 438 2.01 23.49 -0.25
CA MET A 438 2.52 23.96 -1.54
C MET A 438 1.62 24.99 -2.24
N GLY A 439 0.34 25.04 -1.88
CA GLY A 439 -0.61 25.98 -2.49
C GLY A 439 -0.88 25.58 -3.93
N ASN A 440 -0.57 26.48 -4.87
CA ASN A 440 -0.58 26.18 -6.30
C ASN A 440 0.84 26.12 -6.89
N SER A 441 1.85 25.95 -6.04
CA SER A 441 3.23 25.79 -6.48
C SER A 441 3.54 24.32 -6.77
N MET A 442 4.45 24.09 -7.71
CA MET A 442 5.00 22.76 -7.93
C MET A 442 5.94 22.42 -6.77
N GLU A 443 6.17 21.13 -6.54
CA GLU A 443 6.95 20.69 -5.37
C GLU A 443 8.38 21.24 -5.35
N LYS A 444 9.03 21.27 -6.52
CA LYS A 444 10.43 21.70 -6.60
C LYS A 444 10.56 23.19 -6.26
N GLU A 445 9.70 24.02 -6.88
CA GLU A 445 9.75 25.46 -6.65
C GLU A 445 9.36 25.83 -5.21
N PHE A 446 8.48 25.03 -4.60
CA PHE A 446 8.15 25.21 -3.19
C PHE A 446 9.30 24.84 -2.26
N THR A 447 9.97 23.72 -2.53
CA THR A 447 11.13 23.31 -1.70
C THR A 447 12.35 24.21 -1.91
N ASP A 448 12.48 24.80 -3.12
CA ASP A 448 13.46 25.88 -3.36
C ASP A 448 13.12 27.15 -2.55
N TYR A 449 11.83 27.50 -2.51
CA TYR A 449 11.37 28.62 -1.68
C TYR A 449 11.70 28.41 -0.20
N LEU A 450 11.37 27.21 0.32
CA LEU A 450 11.65 26.85 1.73
C LEU A 450 13.12 27.00 2.09
N PHE A 451 14.02 26.53 1.23
CA PHE A 451 15.46 26.64 1.45
C PHE A 451 15.93 28.09 1.41
N ASN A 452 15.48 28.84 0.40
CA ASN A 452 15.75 30.29 0.34
C ASN A 452 15.23 31.03 1.57
N LYS A 453 14.07 30.59 2.08
CA LYS A 453 13.54 31.13 3.33
C LYS A 453 14.43 30.79 4.53
N SER A 454 14.98 29.56 4.55
CA SER A 454 15.94 29.14 5.58
C SER A 454 17.20 29.99 5.58
N LEU A 455 17.68 30.34 4.37
CA LEU A 455 18.83 31.24 4.23
C LEU A 455 18.52 32.66 4.73
N GLU A 456 17.31 33.14 4.49
CA GLU A 456 16.87 34.45 4.99
C GLU A 456 16.89 34.48 6.53
N ILE A 457 16.18 33.55 7.16
CA ILE A 457 16.03 33.52 8.63
C ILE A 457 17.32 33.20 9.39
N GLU A 458 18.20 32.40 8.80
CA GLU A 458 19.52 32.12 9.37
C GLU A 458 20.57 32.08 8.25
N PRO A 459 21.14 33.25 7.89
CA PRO A 459 22.17 33.32 6.85
C PRO A 459 23.43 32.52 7.15
N ARG A 460 24.19 32.22 6.10
CA ARG A 460 25.41 31.42 6.20
C ARG A 460 26.52 32.32 6.73
N ASN A 461 27.45 31.76 7.51
CA ASN A 461 28.60 32.52 8.00
C ASN A 461 29.46 33.04 6.83
N PRO A 462 30.07 34.23 6.94
CA PRO A 462 30.11 35.05 8.16
C PRO A 462 29.01 36.14 8.29
N LYS A 463 27.91 36.00 7.57
CA LYS A 463 26.83 37.01 7.61
C LYS A 463 26.18 37.01 9.00
N PRO A 464 25.82 38.21 9.52
CA PRO A 464 25.23 38.28 10.87
C PRO A 464 23.77 37.83 10.90
N LEU A 465 23.34 37.33 12.04
CA LEU A 465 21.96 36.85 12.24
C LEU A 465 21.02 38.02 12.52
N PRO A 466 20.10 38.35 11.57
CA PRO A 466 19.15 39.43 11.87
C PRO A 466 18.06 38.99 12.86
N ARG A 467 17.43 39.97 13.50
CA ARG A 467 16.24 39.74 14.31
C ARG A 467 15.00 39.99 13.44
N PHE A 468 13.94 39.23 13.72
CA PHE A 468 12.68 39.36 13.00
C PHE A 468 11.53 39.52 13.99
N PRO A 469 10.49 40.31 13.63
CA PRO A 469 9.38 40.53 14.57
C PRO A 469 8.48 39.30 14.75
N LYS A 470 7.81 39.25 15.89
CA LYS A 470 6.94 38.12 16.24
C LYS A 470 5.66 38.08 15.40
N LYS A 471 5.30 36.89 14.92
CA LYS A 471 4.06 36.67 14.16
C LYS A 471 2.89 36.10 14.98
N TYR A 472 3.14 35.66 16.21
CA TYR A 472 2.12 35.02 17.05
C TYR A 472 1.72 35.92 18.22
N SER A 473 0.42 36.18 18.33
CA SER A 473 -0.14 37.00 19.41
C SER A 473 -0.52 36.18 20.66
N TYR A 474 -0.54 34.85 20.55
CA TYR A 474 -0.99 33.96 21.63
C TYR A 474 0.21 33.34 22.36
N PRO A 475 0.01 32.85 23.60
CA PRO A 475 1.13 32.24 24.35
C PRO A 475 1.71 31.01 23.68
N LEU A 476 3.04 30.92 23.66
CA LEU A 476 3.77 29.86 22.97
C LEU A 476 4.08 28.64 23.84
N LYS A 477 3.91 28.74 25.16
CA LYS A 477 4.16 27.61 26.05
C LYS A 477 3.25 26.41 25.73
N SER A 478 3.88 25.25 25.54
CA SER A 478 3.15 24.02 25.25
C SER A 478 2.38 23.53 26.47
N PRO A 479 1.19 22.92 26.26
CA PRO A 479 0.50 22.28 27.37
C PRO A 479 1.18 20.96 27.80
N GLY A 480 1.94 20.35 26.90
CA GLY A 480 2.70 19.13 27.19
C GLY A 480 2.05 17.91 26.54
N VAL A 481 2.56 16.75 26.90
CA VAL A 481 2.16 15.48 26.27
C VAL A 481 1.59 14.43 27.24
N ARG A 482 1.41 14.78 28.51
CA ARG A 482 0.66 13.94 29.46
C ARG A 482 -0.82 14.27 29.29
N PRO A 483 -1.69 13.25 29.11
CA PRO A 483 -3.13 13.55 29.03
C PRO A 483 -3.76 13.97 30.37
N SER A 484 -5.06 14.25 30.34
CA SER A 484 -5.83 14.46 31.57
C SER A 484 -6.03 13.12 32.31
N ASN A 485 -6.44 13.21 33.58
CA ASN A 485 -6.44 12.10 34.56
C ASN A 485 -5.06 11.94 35.17
#